data_4HAN
#
_entry.id   4HAN
#
_cell.length_a   71.884
_cell.length_b   71.884
_cell.length_c   314.493
_cell.angle_alpha   90.00
_cell.angle_beta   90.00
_cell.angle_gamma   120.00
#
_symmetry.space_group_name_H-M   'P 31 1 2'
#
loop_
_entity.id
_entity.type
_entity.pdbx_description
1 polymer Galectin-8
2 polymer 'Calcium-binding and coiled-coil domain-containing protein 2'
3 non-polymer NICOTINAMIDE-ADENINE-DINUCLEOTIDE
4 non-polymer DI(HYDROXYETHYL)ETHER
5 water water
#
loop_
_entity_poly.entity_id
_entity_poly.type
_entity_poly.pdbx_seq_one_letter_code
_entity_poly.pdbx_strand_id
1 'polypeptide(L)'
;GSMMLSLNNLQNIIYNPVIPFVGTIPDQLDPGTLIVIRGHVPSDADRFQVDLQNGSSVKPRADVAFHFNPRFKRAGCIVC
NTLINEKWGREEITYDTPFKREKSFEIVIMVLKDKFQVAVNGKHTLLYGHRIGPEKIDTLGIYGKVNIHSIGFSFSSHMR
LPFAARLNTPMGPGRTVVVKGEVNANAKSFNVDLLAGKSKDIALHLNPRLNIKAFVRNSFLQESWGEEERNITSFPFSPG
MYFEMIIYCDVREFKVAVNGVHSLEYKHRFKELSSIDTLEINGDIHLLEVRSW
;
A,B
2 'polypeptide(L)' PGLAYGNPYSGIQE C,D
#
# COMPACT_ATOMS: atom_id res chain seq x y z
N GLY A 1 -0.61 17.44 11.30
CA GLY A 1 0.50 16.86 10.56
C GLY A 1 1.00 17.82 9.52
N SER A 2 2.22 17.62 9.01
CA SER A 2 2.76 18.62 8.10
C SER A 2 2.25 18.45 6.68
N MET A 3 2.30 17.23 6.16
CA MET A 3 1.68 16.96 4.87
C MET A 3 1.05 15.56 4.89
N MET A 4 -0.17 15.48 4.36
N MET A 4 -0.18 15.47 4.36
CA MET A 4 -0.87 14.21 4.20
CA MET A 4 -0.89 14.18 4.25
C MET A 4 -0.77 13.76 2.75
C MET A 4 -0.95 13.72 2.80
N LEU A 5 -0.58 12.47 2.56
CA LEU A 5 -0.54 11.91 1.21
C LEU A 5 -1.47 10.73 1.16
N SER A 6 -2.28 10.64 0.11
CA SER A 6 -3.22 9.53 0.02
C SER A 6 -3.27 8.90 -1.38
N LEU A 7 -3.13 7.59 -1.42
CA LEU A 7 -3.08 6.84 -2.69
C LEU A 7 -3.37 5.35 -2.53
N ASN A 8 -3.51 4.68 -3.67
CA ASN A 8 -3.70 3.24 -3.73
C ASN A 8 -2.46 2.57 -4.30
N ASN A 9 -2.03 1.50 -3.64
CA ASN A 9 -0.91 0.72 -4.15
C ASN A 9 -1.27 -0.73 -4.30
N LEU A 10 -0.81 -1.32 -5.41
CA LEU A 10 -0.76 -2.76 -5.53
C LEU A 10 0.53 -3.14 -4.84
N GLN A 11 0.45 -4.03 -3.85
CA GLN A 11 1.65 -4.44 -3.15
C GLN A 11 1.92 -5.91 -3.31
N ASN A 12 3.18 -6.23 -3.52
CA ASN A 12 3.62 -7.59 -3.69
C ASN A 12 4.82 -7.81 -2.80
N ILE A 13 4.69 -8.66 -1.79
CA ILE A 13 5.68 -8.77 -0.73
C ILE A 13 6.15 -10.19 -0.53
N ILE A 14 7.46 -10.38 -0.36
CA ILE A 14 8.05 -11.69 -0.09
C ILE A 14 8.64 -11.70 1.31
N TYR A 15 8.08 -12.53 2.20
CA TYR A 15 8.57 -12.70 3.56
C TYR A 15 9.66 -13.77 3.71
N ASN A 16 10.69 -13.45 4.49
CA ASN A 16 11.73 -14.41 4.84
C ASN A 16 12.43 -15.08 3.68
N PRO A 17 12.92 -14.31 2.69
CA PRO A 17 13.60 -15.00 1.61
C PRO A 17 14.95 -15.56 2.08
N VAL A 18 15.39 -16.68 1.50
CA VAL A 18 16.68 -17.28 1.84
C VAL A 18 17.75 -16.64 0.97
N ILE A 19 18.91 -16.37 1.57
CA ILE A 19 20.00 -15.71 0.86
C ILE A 19 21.05 -16.78 0.59
N PRO A 20 21.58 -16.85 -0.65
CA PRO A 20 21.32 -15.95 -1.78
C PRO A 20 19.91 -16.12 -2.36
N PHE A 21 19.33 -15.01 -2.80
CA PHE A 21 17.99 -14.99 -3.34
C PHE A 21 18.08 -14.54 -4.79
N VAL A 22 17.36 -15.21 -5.67
CA VAL A 22 17.21 -14.75 -7.04
C VAL A 22 15.76 -14.91 -7.42
N GLY A 23 15.05 -13.79 -7.55
CA GLY A 23 13.63 -13.81 -7.84
C GLY A 23 13.18 -12.91 -8.97
N THR A 24 12.16 -13.38 -9.69
CA THR A 24 11.50 -12.60 -10.73
C THR A 24 10.64 -11.50 -10.15
N ILE A 25 10.84 -10.27 -10.60
CA ILE A 25 9.99 -9.16 -10.19
C ILE A 25 8.58 -9.46 -10.70
N PRO A 26 7.56 -9.22 -9.87
CA PRO A 26 6.18 -9.56 -10.29
C PRO A 26 5.66 -8.77 -11.50
N ASP A 27 6.20 -7.58 -11.72
CA ASP A 27 5.76 -6.75 -12.85
C ASP A 27 6.87 -5.77 -13.21
N GLN A 28 6.57 -4.94 -14.20
CA GLN A 28 7.54 -4.04 -14.77
C GLN A 28 7.81 -2.85 -13.86
N LEU A 29 9.06 -2.40 -13.82
CA LEU A 29 9.45 -1.28 -12.95
C LEU A 29 9.23 0.07 -13.63
N ASP A 30 7.97 0.47 -13.75
CA ASP A 30 7.66 1.77 -14.34
C ASP A 30 8.02 2.86 -13.34
N PRO A 31 8.29 4.07 -13.84
CA PRO A 31 8.58 5.19 -12.93
C PRO A 31 7.54 5.32 -11.81
N GLY A 32 8.00 5.49 -10.56
CA GLY A 32 7.12 5.59 -9.42
C GLY A 32 7.11 4.34 -8.57
N THR A 33 7.52 3.23 -9.17
CA THR A 33 7.55 1.94 -8.48
C THR A 33 8.60 1.94 -7.36
N LEU A 34 8.26 1.26 -6.26
CA LEU A 34 9.15 1.18 -5.11
C LEU A 34 9.58 -0.26 -4.90
N ILE A 35 10.81 -0.43 -4.44
CA ILE A 35 11.29 -1.73 -3.98
C ILE A 35 11.73 -1.52 -2.55
N VAL A 36 11.12 -2.24 -1.62
CA VAL A 36 11.40 -2.04 -0.20
C VAL A 36 11.99 -3.30 0.37
N ILE A 37 13.20 -3.20 0.93
CA ILE A 37 13.93 -4.35 1.45
C ILE A 37 14.29 -4.12 2.91
N ARG A 38 13.77 -4.97 3.79
CA ARG A 38 14.06 -4.85 5.21
C ARG A 38 14.98 -5.98 5.61
N GLY A 39 15.99 -5.66 6.40
CA GLY A 39 16.97 -6.65 6.73
C GLY A 39 17.82 -6.37 7.94
N HIS A 40 18.88 -7.15 8.08
CA HIS A 40 19.77 -6.98 9.21
C HIS A 40 21.17 -7.39 8.76
N VAL A 41 22.17 -6.65 9.23
CA VAL A 41 23.56 -6.96 8.96
C VAL A 41 24.13 -7.83 10.08
N PRO A 42 24.50 -9.08 9.78
CA PRO A 42 25.19 -9.97 10.72
C PRO A 42 26.50 -9.37 11.24
N SER A 43 26.92 -9.79 12.43
CA SER A 43 28.09 -9.22 13.09
C SER A 43 29.39 -9.48 12.33
N ASP A 44 29.41 -10.53 11.53
CA ASP A 44 30.65 -10.94 10.87
C ASP A 44 30.72 -10.49 9.41
N ALA A 45 29.75 -9.70 8.98
CA ALA A 45 29.61 -9.35 7.56
C ALA A 45 30.66 -8.36 7.02
N ASP A 46 31.08 -8.58 5.78
CA ASP A 46 32.00 -7.65 5.11
C ASP A 46 31.28 -6.90 4.00
N ARG A 47 30.26 -7.53 3.41
CA ARG A 47 29.45 -6.91 2.37
C ARG A 47 28.21 -7.73 2.02
N PHE A 48 27.27 -7.10 1.36
CA PHE A 48 26.18 -7.79 0.69
C PHE A 48 25.75 -6.90 -0.48
N GLN A 49 24.85 -7.37 -1.33
CA GLN A 49 24.45 -6.56 -2.46
C GLN A 49 23.04 -6.87 -2.86
N VAL A 50 22.37 -5.87 -3.44
CA VAL A 50 21.08 -6.03 -4.06
C VAL A 50 21.30 -5.73 -5.52
N ASP A 51 20.93 -6.66 -6.38
CA ASP A 51 21.17 -6.49 -7.80
C ASP A 51 19.86 -6.51 -8.58
N LEU A 52 19.62 -5.45 -9.34
CA LEU A 52 18.51 -5.43 -10.28
C LEU A 52 19.03 -5.92 -11.62
N GLN A 53 18.54 -7.07 -12.05
CA GLN A 53 19.17 -7.78 -13.15
C GLN A 53 18.21 -7.93 -14.32
N ASN A 54 18.79 -8.08 -15.51
CA ASN A 54 18.07 -8.50 -16.69
C ASN A 54 18.22 -10.02 -16.82
N GLY A 55 17.27 -10.76 -16.24
CA GLY A 55 17.29 -12.21 -16.25
C GLY A 55 18.20 -12.77 -15.16
N SER A 56 18.45 -14.08 -15.20
CA SER A 56 19.24 -14.73 -14.16
C SER A 56 20.31 -15.66 -14.71
N SER A 57 20.71 -15.49 -15.96
CA SER A 57 21.75 -16.35 -16.50
C SER A 57 23.03 -16.19 -15.71
N VAL A 58 23.82 -17.25 -15.67
CA VAL A 58 25.10 -17.23 -14.96
C VAL A 58 26.28 -17.33 -15.93
N LYS A 59 26.08 -18.01 -17.06
CA LYS A 59 27.12 -18.06 -18.05
C LYS A 59 26.54 -17.95 -19.46
N PRO A 60 26.64 -16.77 -20.09
CA PRO A 60 27.17 -15.49 -19.57
C PRO A 60 26.31 -14.94 -18.45
N ARG A 61 26.95 -14.15 -17.57
CA ARG A 61 26.31 -13.58 -16.40
C ARG A 61 25.31 -12.49 -16.79
N ALA A 62 24.10 -12.59 -16.23
CA ALA A 62 23.03 -11.63 -16.48
C ALA A 62 23.48 -10.17 -16.26
N ASP A 63 23.16 -9.29 -17.22
CA ASP A 63 23.40 -7.86 -17.05
C ASP A 63 22.77 -7.37 -15.77
N VAL A 64 23.50 -6.52 -15.06
CA VAL A 64 22.97 -5.93 -13.84
C VAL A 64 22.76 -4.44 -14.08
N ALA A 65 21.50 -4.03 -14.20
CA ALA A 65 21.19 -2.62 -14.36
C ALA A 65 21.66 -1.79 -13.15
N PHE A 66 21.42 -2.30 -11.95
CA PHE A 66 21.73 -1.59 -10.73
C PHE A 66 22.32 -2.56 -9.71
N HIS A 67 23.59 -2.34 -9.39
CA HIS A 67 24.32 -3.12 -8.42
C HIS A 67 24.45 -2.19 -7.21
N PHE A 68 23.80 -2.54 -6.12
CA PHE A 68 23.78 -1.71 -4.91
C PHE A 68 24.48 -2.49 -3.84
N ASN A 69 25.68 -2.06 -3.46
CA ASN A 69 26.58 -2.95 -2.73
C ASN A 69 27.23 -2.32 -1.50
N PRO A 70 26.52 -2.37 -0.36
CA PRO A 70 27.10 -1.87 0.90
C PRO A 70 28.27 -2.72 1.39
N ARG A 71 29.39 -2.07 1.75
CA ARG A 71 30.58 -2.74 2.31
C ARG A 71 30.85 -2.22 3.72
N PHE A 72 31.49 -3.05 4.55
CA PHE A 72 31.64 -2.70 5.96
C PHE A 72 33.06 -2.57 6.47
N LYS A 73 34.04 -3.04 5.70
CA LYS A 73 35.44 -2.90 6.08
C LYS A 73 35.82 -1.43 6.12
N ARG A 74 36.80 -1.08 6.96
CA ARG A 74 37.15 0.31 7.25
C ARG A 74 35.97 1.09 7.84
N ALA A 75 35.74 2.31 7.34
CA ALA A 75 34.57 3.07 7.75
C ALA A 75 33.28 2.57 7.15
N GLY A 76 33.37 1.88 6.04
CA GLY A 76 32.21 1.42 5.32
C GLY A 76 31.83 2.34 4.18
N CYS A 77 31.06 1.82 3.24
CA CYS A 77 30.60 2.60 2.10
C CYS A 77 29.56 1.81 1.35
N ILE A 78 29.03 2.41 0.28
CA ILE A 78 28.14 1.69 -0.63
C ILE A 78 28.67 1.82 -2.03
N VAL A 79 28.87 0.69 -2.70
CA VAL A 79 29.33 0.72 -4.07
C VAL A 79 28.16 0.47 -5.03
N CYS A 80 28.02 1.31 -6.05
CA CYS A 80 27.03 1.07 -7.10
C CYS A 80 27.68 1.02 -8.46
N ASN A 81 27.13 0.18 -9.33
CA ASN A 81 27.66 -0.02 -10.67
C ASN A 81 26.63 -0.72 -11.52
N THR A 82 26.99 -0.92 -12.79
CA THR A 82 26.16 -1.60 -13.75
C THR A 82 27.06 -2.62 -14.46
N LEU A 83 26.54 -3.82 -14.68
CA LEU A 83 27.26 -4.86 -15.40
C LEU A 83 26.60 -5.09 -16.76
N ILE A 84 27.34 -4.85 -17.83
CA ILE A 84 26.81 -4.98 -19.17
C ILE A 84 27.69 -5.92 -19.98
N ASN A 85 27.10 -7.00 -20.49
CA ASN A 85 27.84 -8.01 -21.21
C ASN A 85 29.07 -8.52 -20.41
N GLU A 86 28.85 -8.73 -19.12
CA GLU A 86 29.90 -9.14 -18.18
C GLU A 86 31.02 -8.09 -17.95
N LYS A 87 30.80 -6.85 -18.37
CA LYS A 87 31.73 -5.78 -18.05
C LYS A 87 31.16 -4.82 -17.01
N TRP A 88 31.89 -4.61 -15.92
CA TRP A 88 31.52 -3.58 -14.95
C TRP A 88 31.87 -2.21 -15.48
N GLY A 89 30.94 -1.27 -15.37
CA GLY A 89 31.19 0.07 -15.87
C GLY A 89 31.88 0.89 -14.80
N ARG A 90 31.78 2.20 -14.92
CA ARG A 90 32.36 3.11 -13.95
C ARG A 90 31.68 2.97 -12.57
N GLU A 91 32.49 2.94 -11.53
CA GLU A 91 32.00 2.59 -10.19
C GLU A 91 31.66 3.84 -9.36
N GLU A 92 30.44 3.88 -8.82
CA GLU A 92 29.99 5.04 -8.05
C GLU A 92 29.89 4.68 -6.58
N ILE A 93 30.66 5.39 -5.76
CA ILE A 93 30.74 5.09 -4.34
C ILE A 93 30.23 6.24 -3.48
N THR A 94 29.39 5.88 -2.51
CA THR A 94 28.81 6.81 -1.56
C THR A 94 29.40 6.47 -0.20
N TYR A 95 29.97 7.46 0.48
CA TYR A 95 30.63 7.22 1.77
C TYR A 95 29.79 7.61 3.00
N ASP A 96 28.74 8.37 2.79
CA ASP A 96 27.80 8.63 3.87
C ASP A 96 26.87 7.42 3.95
N THR A 97 27.31 6.40 4.68
CA THR A 97 26.57 5.13 4.71
C THR A 97 25.85 4.95 6.05
N PRO A 98 24.58 4.55 5.97
CA PRO A 98 23.77 4.32 7.17
C PRO A 98 23.85 2.86 7.66
N PHE A 99 24.44 1.97 6.87
CA PHE A 99 24.51 0.56 7.27
C PHE A 99 25.57 0.32 8.33
N LYS A 100 25.28 -0.56 9.27
CA LYS A 100 26.25 -0.94 10.28
C LYS A 100 26.10 -2.41 10.59
N ARG A 101 27.21 -3.06 10.95
CA ARG A 101 27.17 -4.45 11.41
C ARG A 101 26.28 -4.53 12.64
N GLU A 102 25.52 -5.61 12.76
CA GLU A 102 24.60 -5.81 13.90
C GLU A 102 23.43 -4.82 13.99
N LYS A 103 23.14 -4.13 12.90
CA LYS A 103 22.03 -3.17 12.87
C LYS A 103 21.04 -3.48 11.75
N SER A 104 19.76 -3.22 12.03
CA SER A 104 18.70 -3.42 11.06
C SER A 104 18.59 -2.23 10.14
N PHE A 105 18.02 -2.45 8.96
CA PHE A 105 17.84 -1.40 7.97
C PHE A 105 16.55 -1.56 7.18
N GLU A 106 16.13 -0.48 6.53
CA GLU A 106 15.15 -0.56 5.47
C GLU A 106 15.64 0.19 4.24
N ILE A 107 15.78 -0.51 3.12
CA ILE A 107 16.11 0.12 1.86
C ILE A 107 14.84 0.43 1.08
N VAL A 108 14.68 1.67 0.65
CA VAL A 108 13.62 2.01 -0.29
C VAL A 108 14.25 2.47 -1.60
N ILE A 109 13.96 1.75 -2.67
CA ILE A 109 14.47 2.12 -3.98
C ILE A 109 13.31 2.65 -4.80
N MET A 110 13.36 3.91 -5.22
CA MET A 110 12.31 4.44 -6.06
C MET A 110 12.81 4.47 -7.49
N VAL A 111 12.01 3.91 -8.39
CA VAL A 111 12.41 3.83 -9.79
C VAL A 111 11.86 5.04 -10.52
N LEU A 112 12.75 5.97 -10.86
CA LEU A 112 12.33 7.16 -11.58
C LEU A 112 12.61 6.95 -13.06
N LYS A 113 12.19 7.91 -13.89
CA LYS A 113 12.35 7.82 -15.33
C LYS A 113 13.82 7.78 -15.78
N ASP A 114 14.64 8.61 -15.14
CA ASP A 114 16.05 8.74 -15.53
C ASP A 114 17.07 8.23 -14.50
N LYS A 115 16.60 7.87 -13.31
CA LYS A 115 17.50 7.39 -12.27
C LYS A 115 16.77 6.53 -11.25
N PHE A 116 17.55 5.87 -10.39
CA PHE A 116 17.02 5.28 -9.16
C PHE A 116 17.25 6.28 -8.05
N GLN A 117 16.30 6.37 -7.13
CA GLN A 117 16.46 7.21 -5.96
C GLN A 117 16.38 6.30 -4.73
N VAL A 118 17.45 6.27 -3.93
CA VAL A 118 17.52 5.31 -2.84
C VAL A 118 17.56 5.97 -1.45
N ALA A 119 16.63 5.57 -0.58
CA ALA A 119 16.66 6.01 0.81
C ALA A 119 16.81 4.83 1.74
N VAL A 120 17.57 5.03 2.82
CA VAL A 120 17.76 4.01 3.82
C VAL A 120 17.39 4.57 5.20
N ASN A 121 16.59 3.81 5.94
CA ASN A 121 16.14 4.23 7.26
C ASN A 121 15.46 5.60 7.23
N GLY A 122 14.66 5.84 6.19
CA GLY A 122 13.86 7.06 6.06
C GLY A 122 14.62 8.32 5.65
N LYS A 123 15.90 8.16 5.34
CA LYS A 123 16.74 9.31 5.03
C LYS A 123 17.35 9.09 3.66
N HIS A 124 17.43 10.16 2.86
CA HIS A 124 17.94 9.99 1.51
C HIS A 124 19.40 9.51 1.54
N THR A 125 19.73 8.64 0.60
CA THR A 125 21.07 8.07 0.56
C THR A 125 21.85 8.37 -0.74
N LEU A 126 21.34 7.93 -1.89
CA LEU A 126 22.06 8.15 -3.13
C LEU A 126 21.14 8.16 -4.33
N LEU A 127 21.63 8.68 -5.45
CA LEU A 127 20.97 8.58 -6.74
C LEU A 127 21.83 7.74 -7.66
N TYR A 128 21.22 7.09 -8.65
CA TYR A 128 21.97 6.31 -9.62
C TYR A 128 21.30 6.36 -10.97
N GLY A 129 21.94 7.03 -11.93
CA GLY A 129 21.37 7.20 -13.25
C GLY A 129 21.26 5.87 -13.96
N HIS A 130 20.19 5.67 -14.72
CA HIS A 130 20.03 4.44 -15.48
C HIS A 130 21.12 4.34 -16.54
N ARG A 131 21.62 3.12 -16.75
CA ARG A 131 22.60 2.86 -17.81
C ARG A 131 22.00 1.78 -18.72
N ILE A 132 21.13 0.98 -18.15
CA ILE A 132 20.29 0.05 -18.89
C ILE A 132 18.87 0.54 -18.73
N GLY A 133 18.06 0.45 -19.79
CA GLY A 133 16.66 0.81 -19.70
C GLY A 133 15.99 0.04 -18.58
N PRO A 134 15.32 0.75 -17.65
CA PRO A 134 14.80 0.08 -16.46
C PRO A 134 13.73 -0.95 -16.81
N GLU A 135 13.21 -0.88 -18.03
CA GLU A 135 12.17 -1.80 -18.47
C GLU A 135 12.73 -3.17 -18.79
N LYS A 136 14.06 -3.28 -18.80
CA LYS A 136 14.74 -4.53 -19.07
C LYS A 136 15.04 -5.32 -17.80
N ILE A 137 14.73 -4.73 -16.66
CA ILE A 137 14.94 -5.39 -15.38
C ILE A 137 13.76 -6.29 -15.08
N ASP A 138 14.01 -7.56 -14.80
CA ASP A 138 12.91 -8.45 -14.46
C ASP A 138 13.27 -9.35 -13.30
N THR A 139 14.48 -9.18 -12.78
CA THR A 139 14.99 -10.05 -11.73
C THR A 139 15.70 -9.25 -10.62
N LEU A 140 15.44 -9.65 -9.38
CA LEU A 140 16.15 -9.09 -8.22
C LEU A 140 16.97 -10.16 -7.55
N GLY A 141 18.24 -9.87 -7.29
CA GLY A 141 19.11 -10.78 -6.59
C GLY A 141 19.68 -10.12 -5.35
N ILE A 142 19.77 -10.90 -4.28
CA ILE A 142 20.39 -10.45 -3.06
C ILE A 142 21.44 -11.48 -2.69
N TYR A 143 22.68 -11.02 -2.51
CA TYR A 143 23.79 -11.92 -2.24
C TYR A 143 24.70 -11.36 -1.13
N GLY A 144 25.43 -12.23 -0.47
CA GLY A 144 26.37 -11.82 0.55
C GLY A 144 25.88 -12.12 1.96
N LYS A 145 26.56 -11.54 2.95
CA LYS A 145 26.22 -11.78 4.34
C LYS A 145 25.18 -10.76 4.78
N VAL A 146 23.91 -11.15 4.70
CA VAL A 146 22.83 -10.28 5.14
C VAL A 146 21.61 -11.12 5.44
N ASN A 147 20.76 -10.67 6.35
CA ASN A 147 19.48 -11.30 6.61
C ASN A 147 18.37 -10.45 6.03
N ILE A 148 17.52 -11.04 5.20
CA ILE A 148 16.43 -10.28 4.63
C ILE A 148 15.11 -10.79 5.19
N HIS A 149 14.36 -9.91 5.83
CA HIS A 149 13.07 -10.27 6.41
C HIS A 149 11.97 -10.12 5.37
N SER A 150 12.04 -9.06 4.57
CA SER A 150 11.07 -8.92 3.48
C SER A 150 11.61 -8.20 2.23
N ILE A 151 10.99 -8.49 1.10
CA ILE A 151 11.26 -7.76 -0.12
C ILE A 151 9.89 -7.34 -0.62
N GLY A 152 9.65 -6.03 -0.71
CA GLY A 152 8.36 -5.54 -1.13
C GLY A 152 8.40 -4.74 -2.42
N PHE A 153 7.43 -4.98 -3.31
CA PHE A 153 7.25 -4.13 -4.47
C PHE A 153 5.96 -3.35 -4.33
N SER A 154 6.03 -2.03 -4.50
CA SER A 154 4.84 -1.17 -4.52
C SER A 154 4.58 -0.69 -5.93
N PHE A 155 3.41 -1.00 -6.44
CA PHE A 155 3.00 -0.48 -7.75
C PHE A 155 1.83 0.48 -7.60
N SER A 156 1.89 1.60 -8.29
CA SER A 156 0.80 2.57 -8.21
C SER A 156 -0.46 2.06 -8.91
N SER A 157 -1.59 2.62 -8.52
CA SER A 157 -2.89 2.11 -8.89
C SER A 157 -3.92 3.23 -8.70
N HIS A 158 -4.98 3.23 -9.49
CA HIS A 158 -6.04 4.22 -9.38
C HIS A 158 -6.80 4.06 -8.07
N MET A 159 -7.08 5.17 -7.40
CA MET A 159 -7.87 5.10 -6.19
C MET A 159 -9.30 4.76 -6.57
N ARG A 160 -10.01 4.07 -5.66
CA ARG A 160 -11.40 3.69 -5.88
C ARG A 160 -12.33 4.87 -5.71
N LEU A 161 -13.29 5.00 -6.62
CA LEU A 161 -14.33 6.03 -6.55
C LEU A 161 -15.67 5.35 -6.29
N PRO A 162 -16.56 6.00 -5.51
CA PRO A 162 -16.36 7.30 -4.88
C PRO A 162 -15.34 7.25 -3.76
N PHE A 163 -14.60 8.33 -3.57
CA PHE A 163 -13.63 8.47 -2.50
C PHE A 163 -14.22 9.41 -1.44
N ALA A 164 -13.99 9.09 -0.18
CA ALA A 164 -14.49 9.90 0.92
C ALA A 164 -13.51 9.79 2.08
N ALA A 165 -13.01 10.93 2.55
CA ALA A 165 -12.06 10.87 3.67
C ALA A 165 -12.23 12.03 4.63
N ARG A 166 -11.98 11.78 5.91
CA ARG A 166 -11.81 12.88 6.86
C ARG A 166 -10.37 13.36 6.73
N LEU A 167 -10.18 14.67 6.81
CA LEU A 167 -8.84 15.24 6.82
C LEU A 167 -8.32 15.15 8.26
N ASN A 168 -7.02 14.95 8.45
CA ASN A 168 -6.51 14.83 9.82
C ASN A 168 -6.58 16.14 10.58
N THR A 169 -6.62 17.24 9.83
CA THR A 169 -6.79 18.57 10.40
C THR A 169 -7.74 19.32 9.47
N PRO A 170 -8.58 20.23 10.02
CA PRO A 170 -9.62 20.91 9.24
C PRO A 170 -9.09 22.07 8.38
N MET A 171 -9.97 22.63 7.55
CA MET A 171 -9.58 23.80 6.77
C MET A 171 -9.32 24.97 7.70
N GLY A 172 -8.60 25.95 7.16
CA GLY A 172 -8.27 27.16 7.88
C GLY A 172 -7.37 27.90 6.92
N PRO A 173 -7.18 29.21 7.16
CA PRO A 173 -6.33 30.03 6.29
C PRO A 173 -4.96 29.37 6.06
N GLY A 174 -4.54 29.19 4.81
CA GLY A 174 -3.24 28.63 4.53
C GLY A 174 -3.25 27.12 4.32
N ARG A 175 -4.39 26.48 4.55
CA ARG A 175 -4.50 25.06 4.25
C ARG A 175 -4.64 24.88 2.75
N THR A 176 -4.15 23.74 2.27
CA THR A 176 -4.11 23.42 0.85
C THR A 176 -4.49 21.96 0.63
N VAL A 177 -5.35 21.73 -0.35
CA VAL A 177 -5.67 20.36 -0.74
C VAL A 177 -5.36 20.22 -2.22
N VAL A 178 -4.72 19.12 -2.58
CA VAL A 178 -4.35 18.86 -3.97
C VAL A 178 -4.93 17.54 -4.46
N VAL A 179 -5.69 17.59 -5.54
CA VAL A 179 -6.25 16.41 -6.17
C VAL A 179 -5.50 16.13 -7.47
N LYS A 180 -4.89 14.95 -7.57
CA LYS A 180 -4.23 14.56 -8.81
C LYS A 180 -5.00 13.47 -9.53
N GLY A 181 -5.28 13.69 -10.81
CA GLY A 181 -6.04 12.72 -11.54
C GLY A 181 -5.92 12.79 -13.05
N GLU A 182 -6.72 11.95 -13.69
CA GLU A 182 -6.80 11.93 -15.12
C GLU A 182 -8.27 11.90 -15.47
N VAL A 183 -8.68 12.84 -16.29
CA VAL A 183 -10.06 12.88 -16.77
C VAL A 183 -10.28 11.72 -17.73
N ASN A 184 -11.39 10.99 -17.58
CA ASN A 184 -11.70 9.87 -18.46
C ASN A 184 -11.81 10.32 -19.90
N ALA A 185 -11.43 9.46 -20.84
CA ALA A 185 -11.69 9.73 -22.25
C ALA A 185 -13.21 9.75 -22.46
N ASN A 186 -13.92 8.98 -21.63
CA ASN A 186 -15.38 8.90 -21.65
C ASN A 186 -16.04 10.16 -21.08
N ALA A 187 -15.30 10.88 -20.24
CA ALA A 187 -15.86 11.80 -19.21
C ALA A 187 -16.96 12.81 -19.57
N LYS A 188 -17.97 12.87 -18.69
CA LYS A 188 -19.02 13.87 -18.78
C LYS A 188 -18.83 14.93 -17.68
N SER A 189 -18.61 14.49 -16.45
CA SER A 189 -18.39 15.41 -15.35
C SER A 189 -17.85 14.70 -14.10
N PHE A 190 -17.24 15.46 -13.20
CA PHE A 190 -16.79 14.91 -11.93
C PHE A 190 -16.88 15.94 -10.80
N ASN A 191 -16.86 15.49 -9.55
CA ASN A 191 -17.04 16.41 -8.44
C ASN A 191 -15.95 16.27 -7.39
N VAL A 192 -15.62 17.39 -6.75
CA VAL A 192 -14.72 17.41 -5.60
C VAL A 192 -15.38 18.31 -4.54
N ASP A 193 -15.70 17.73 -3.38
CA ASP A 193 -16.39 18.46 -2.34
C ASP A 193 -15.60 18.53 -1.03
N LEU A 194 -15.63 19.69 -0.39
CA LEU A 194 -15.20 19.85 0.99
C LEU A 194 -16.45 20.03 1.85
N LEU A 195 -16.61 19.17 2.84
CA LEU A 195 -17.82 19.18 3.67
C LEU A 195 -17.52 19.42 5.14
N ALA A 196 -18.51 19.91 5.86
CA ALA A 196 -18.53 19.80 7.31
C ALA A 196 -19.10 18.41 7.56
N GLY A 197 -18.25 17.51 8.03
CA GLY A 197 -18.59 16.10 8.09
C GLY A 197 -19.80 15.80 8.94
N LYS A 198 -19.90 16.48 10.08
CA LYS A 198 -20.95 16.19 11.05
C LYS A 198 -22.34 16.62 10.59
N SER A 199 -22.44 17.79 9.96
CA SER A 199 -23.72 18.33 9.48
C SER A 199 -23.99 17.97 8.03
N LYS A 200 -22.98 17.47 7.34
CA LYS A 200 -23.08 17.15 5.92
C LYS A 200 -23.39 18.37 5.04
N ASP A 201 -23.10 19.57 5.54
CA ASP A 201 -23.07 20.75 4.69
C ASP A 201 -21.88 20.63 3.74
N ILE A 202 -22.04 21.12 2.53
CA ILE A 202 -20.94 21.17 1.58
C ILE A 202 -20.48 22.63 1.47
N ALA A 203 -19.29 22.91 1.98
CA ALA A 203 -18.78 24.27 2.00
C ALA A 203 -18.36 24.66 0.60
N LEU A 204 -17.74 23.73 -0.11
CA LEU A 204 -17.31 23.97 -1.48
C LEU A 204 -17.57 22.76 -2.37
N HIS A 205 -18.43 22.95 -3.35
CA HIS A 205 -18.73 21.92 -4.33
C HIS A 205 -18.07 22.26 -5.68
N LEU A 206 -16.97 21.59 -6.03
CA LEU A 206 -16.31 21.81 -7.33
C LEU A 206 -16.77 20.78 -8.33
N ASN A 207 -17.27 21.25 -9.47
CA ASN A 207 -17.94 20.35 -10.39
C ASN A 207 -17.71 20.74 -11.84
N PRO A 208 -16.56 20.34 -12.40
CA PRO A 208 -16.28 20.57 -13.82
C PRO A 208 -17.18 19.70 -14.69
N ARG A 209 -17.97 20.30 -15.56
CA ARG A 209 -18.78 19.51 -16.48
C ARG A 209 -18.16 19.58 -17.86
N LEU A 210 -17.55 18.48 -18.27
CA LEU A 210 -16.77 18.46 -19.49
C LEU A 210 -17.66 18.54 -20.72
N ASN A 211 -18.78 17.84 -20.69
CA ASN A 211 -19.72 17.82 -21.82
C ASN A 211 -20.16 19.22 -22.28
N ILE A 212 -20.28 20.14 -21.33
CA ILE A 212 -20.71 21.51 -21.64
C ILE A 212 -19.64 22.55 -21.32
N LYS A 213 -18.46 22.08 -20.95
CA LYS A 213 -17.32 22.96 -20.62
C LYS A 213 -17.67 24.06 -19.62
N ALA A 214 -18.27 23.68 -18.50
CA ALA A 214 -18.58 24.61 -17.42
C ALA A 214 -18.01 24.11 -16.08
N PHE A 215 -17.24 24.96 -15.41
CA PHE A 215 -16.70 24.64 -14.09
C PHE A 215 -17.67 25.23 -13.06
N VAL A 216 -18.51 24.38 -12.48
CA VAL A 216 -19.56 24.83 -11.57
C VAL A 216 -19.13 24.76 -10.10
N ARG A 217 -19.44 25.81 -9.35
CA ARG A 217 -19.19 25.79 -7.91
C ARG A 217 -20.45 26.20 -7.16
N ASN A 218 -20.65 25.61 -5.98
CA ASN A 218 -21.80 25.96 -5.16
C ASN A 218 -21.49 25.56 -3.71
N SER A 219 -22.42 25.86 -2.83
CA SER A 219 -22.40 25.35 -1.45
C SER A 219 -23.77 24.75 -1.15
N PHE A 220 -23.78 23.67 -0.39
CA PHE A 220 -25.03 23.03 0.01
C PHE A 220 -25.28 23.23 1.51
N LEU A 221 -26.07 24.25 1.85
CA LEU A 221 -26.21 24.70 3.23
C LEU A 221 -27.67 24.71 3.64
N GLN A 222 -27.93 24.45 4.93
CA GLN A 222 -29.30 24.39 5.43
C GLN A 222 -30.12 23.41 4.58
N GLU A 223 -29.49 22.33 4.14
CA GLU A 223 -30.11 21.33 3.25
C GLU A 223 -30.65 21.86 1.92
N SER A 224 -29.93 22.80 1.30
CA SER A 224 -30.27 23.28 -0.04
C SER A 224 -29.10 23.94 -0.78
N TRP A 225 -29.12 23.88 -2.10
CA TRP A 225 -28.05 24.48 -2.91
C TRP A 225 -28.23 25.99 -2.98
N GLY A 226 -27.12 26.71 -3.12
CA GLY A 226 -27.18 28.15 -3.24
C GLY A 226 -27.07 28.59 -4.69
N GLU A 227 -26.69 29.85 -4.88
CA GLU A 227 -26.45 30.41 -6.20
C GLU A 227 -25.16 29.83 -6.80
N GLU A 228 -25.27 29.24 -7.98
CA GLU A 228 -24.09 28.68 -8.66
C GLU A 228 -23.17 29.79 -9.12
N GLU A 229 -21.88 29.52 -9.10
CA GLU A 229 -20.87 30.42 -9.64
C GLU A 229 -20.16 29.69 -10.78
N ARG A 230 -20.24 30.24 -11.99
CA ARG A 230 -19.73 29.55 -13.19
C ARG A 230 -18.67 30.34 -13.94
N ASN A 231 -18.52 31.62 -13.60
CA ASN A 231 -17.54 32.51 -14.22
C ASN A 231 -16.11 31.94 -14.32
N ILE A 232 -15.58 31.91 -15.55
CA ILE A 232 -14.20 31.45 -15.74
C ILE A 232 -13.61 32.00 -17.03
N THR A 233 -12.29 32.15 -17.06
CA THR A 233 -11.58 32.62 -18.25
C THR A 233 -11.62 31.54 -19.31
N SER A 234 -11.37 30.31 -18.88
CA SER A 234 -11.32 29.18 -19.80
C SER A 234 -11.56 27.91 -19.02
N PHE A 235 -12.01 26.88 -19.74
CA PHE A 235 -12.25 25.58 -19.13
C PHE A 235 -10.95 24.79 -19.13
N PRO A 236 -10.39 24.55 -17.93
CA PRO A 236 -9.03 23.99 -17.86
C PRO A 236 -8.97 22.48 -17.91
N PHE A 237 -10.04 21.82 -18.35
CA PHE A 237 -10.04 20.35 -18.44
C PHE A 237 -10.36 19.86 -19.84
N SER A 238 -9.89 18.66 -20.15
CA SER A 238 -10.26 18.00 -21.40
C SER A 238 -10.15 16.51 -21.20
N PRO A 239 -11.00 15.73 -21.90
CA PRO A 239 -11.01 14.27 -21.76
C PRO A 239 -9.63 13.70 -21.97
N GLY A 240 -9.28 12.72 -21.15
CA GLY A 240 -8.03 12.01 -21.28
C GLY A 240 -6.82 12.76 -20.78
N MET A 241 -7.01 13.96 -20.24
CA MET A 241 -5.87 14.76 -19.81
C MET A 241 -5.61 14.71 -18.31
N TYR A 242 -4.32 14.71 -17.99
CA TYR A 242 -3.82 14.72 -16.63
C TYR A 242 -4.09 16.11 -16.05
N PHE A 243 -4.41 16.16 -14.77
CA PHE A 243 -4.64 17.46 -14.13
C PHE A 243 -4.19 17.46 -12.66
N GLU A 244 -3.71 18.62 -12.21
CA GLU A 244 -3.43 18.84 -10.79
C GLU A 244 -4.31 19.98 -10.31
N MET A 245 -5.27 19.69 -9.45
CA MET A 245 -6.14 20.74 -8.91
C MET A 245 -5.78 21.13 -7.47
N ILE A 246 -5.44 22.40 -7.29
CA ILE A 246 -5.03 22.90 -6.00
C ILE A 246 -6.11 23.76 -5.38
N ILE A 247 -6.60 23.38 -4.20
CA ILE A 247 -7.57 24.19 -3.51
C ILE A 247 -6.87 24.81 -2.32
N TYR A 248 -6.75 26.13 -2.35
CA TYR A 248 -6.09 26.87 -1.28
C TYR A 248 -7.12 27.58 -0.43
N CYS A 249 -7.05 27.37 0.88
CA CYS A 249 -7.94 28.08 1.79
C CYS A 249 -7.35 29.41 2.24
N ASP A 250 -7.90 30.49 1.73
CA ASP A 250 -7.55 31.82 2.21
C ASP A 250 -8.57 32.29 3.26
N VAL A 251 -8.34 33.46 3.84
CA VAL A 251 -9.19 33.94 4.91
C VAL A 251 -10.63 34.24 4.44
N ARG A 252 -10.76 34.98 3.32
CA ARG A 252 -12.07 35.32 2.77
C ARG A 252 -12.59 34.34 1.73
N GLU A 253 -11.68 33.63 1.07
CA GLU A 253 -12.07 32.80 -0.07
C GLU A 253 -11.22 31.56 -0.27
N PHE A 254 -11.79 30.58 -0.99
CA PHE A 254 -10.99 29.50 -1.54
C PHE A 254 -10.42 30.00 -2.87
N LYS A 255 -9.23 29.54 -3.22
CA LYS A 255 -8.71 29.78 -4.54
C LYS A 255 -8.42 28.41 -5.14
N VAL A 256 -8.71 28.25 -6.43
CA VAL A 256 -8.48 26.99 -7.10
C VAL A 256 -7.61 27.18 -8.32
N ALA A 257 -6.61 26.33 -8.46
CA ALA A 257 -5.70 26.39 -9.58
C ALA A 257 -5.71 25.04 -10.28
N VAL A 258 -5.64 25.06 -11.61
CA VAL A 258 -5.63 23.83 -12.37
C VAL A 258 -4.38 23.81 -13.23
N ASN A 259 -3.53 22.82 -12.99
CA ASN A 259 -2.22 22.72 -13.63
C ASN A 259 -1.34 23.95 -13.45
N GLY A 260 -1.19 24.39 -12.22
CA GLY A 260 -0.25 25.45 -11.92
C GLY A 260 -0.75 26.85 -12.22
N VAL A 261 -1.97 26.96 -12.74
CA VAL A 261 -2.56 28.24 -13.12
C VAL A 261 -3.76 28.59 -12.27
N HIS A 262 -3.79 29.82 -11.74
CA HIS A 262 -4.96 30.29 -10.98
C HIS A 262 -6.19 30.32 -11.87
N SER A 263 -7.26 29.71 -11.41
CA SER A 263 -8.47 29.56 -12.23
C SER A 263 -9.68 30.33 -11.67
N LEU A 264 -9.88 30.27 -10.34
CA LEU A 264 -11.06 30.88 -9.73
C LEU A 264 -10.95 31.17 -8.23
N GLU A 265 -11.79 32.09 -7.77
CA GLU A 265 -11.97 32.34 -6.35
C GLU A 265 -13.41 32.02 -5.98
N TYR A 266 -13.59 31.57 -4.75
CA TYR A 266 -14.91 31.31 -4.21
C TYR A 266 -14.94 31.86 -2.78
N LYS A 267 -15.69 32.94 -2.57
CA LYS A 267 -15.86 33.51 -1.23
C LYS A 267 -16.52 32.48 -0.31
N HIS A 268 -16.01 32.35 0.91
CA HIS A 268 -16.64 31.47 1.90
C HIS A 268 -18.09 31.85 2.26
N ARG A 269 -18.98 30.86 2.14
CA ARG A 269 -20.37 31.02 2.58
C ARG A 269 -20.53 30.35 3.94
N PHE A 270 -19.92 29.16 4.06
CA PHE A 270 -19.79 28.43 5.30
C PHE A 270 -18.48 28.92 5.90
N LYS A 271 -18.58 29.83 6.85
CA LYS A 271 -17.40 30.54 7.32
C LYS A 271 -16.68 29.92 8.52
N GLU A 272 -17.25 28.88 9.12
CA GLU A 272 -16.56 28.13 10.16
C GLU A 272 -15.60 27.13 9.50
N LEU A 273 -14.42 27.62 9.13
CA LEU A 273 -13.50 26.84 8.32
C LEU A 273 -12.98 25.61 9.06
N SER A 274 -12.80 25.75 10.37
CA SER A 274 -12.30 24.64 11.18
C SER A 274 -13.36 23.54 11.36
N SER A 275 -14.55 23.74 10.80
CA SER A 275 -15.56 22.69 10.73
C SER A 275 -15.56 21.99 9.38
N ILE A 276 -14.74 22.48 8.45
CA ILE A 276 -14.61 21.83 7.15
C ILE A 276 -13.54 20.77 7.29
N ASP A 277 -13.97 19.50 7.32
CA ASP A 277 -13.11 18.40 7.77
C ASP A 277 -13.22 17.11 6.96
N THR A 278 -13.89 17.14 5.82
CA THR A 278 -14.11 15.94 5.03
C THR A 278 -13.93 16.26 3.56
N LEU A 279 -13.27 15.37 2.83
CA LEU A 279 -13.13 15.52 1.39
C LEU A 279 -13.86 14.39 0.67
N GLU A 280 -14.61 14.72 -0.37
CA GLU A 280 -15.29 13.70 -1.18
C GLU A 280 -14.99 13.94 -2.64
N ILE A 281 -14.79 12.87 -3.41
CA ILE A 281 -14.40 12.95 -4.81
C ILE A 281 -15.08 11.81 -5.58
N ASN A 282 -15.67 12.12 -6.73
CA ASN A 282 -16.43 11.13 -7.47
C ASN A 282 -16.61 11.54 -8.92
N GLY A 283 -16.97 10.59 -9.77
CA GLY A 283 -17.30 10.90 -11.14
C GLY A 283 -16.29 10.40 -12.15
N ASP A 284 -16.30 11.02 -13.32
CA ASP A 284 -15.58 10.50 -14.47
C ASP A 284 -14.09 10.87 -14.54
N ILE A 285 -13.33 10.45 -13.53
CA ILE A 285 -11.89 10.61 -13.55
C ILE A 285 -11.21 9.35 -13.03
N HIS A 286 -9.91 9.25 -13.33
CA HIS A 286 -9.04 8.33 -12.65
C HIS A 286 -8.28 9.11 -11.59
N LEU A 287 -8.64 8.85 -10.32
CA LEU A 287 -8.02 9.50 -9.18
C LEU A 287 -6.66 8.87 -8.92
N LEU A 288 -5.63 9.70 -8.89
CA LEU A 288 -4.27 9.20 -8.74
C LEU A 288 -3.78 9.44 -7.33
N GLU A 289 -4.05 10.63 -6.81
CA GLU A 289 -3.42 11.06 -5.58
C GLU A 289 -4.18 12.20 -4.94
N VAL A 290 -4.18 12.23 -3.62
CA VAL A 290 -4.69 13.36 -2.87
C VAL A 290 -3.59 13.78 -1.89
N ARG A 291 -3.28 15.07 -1.86
CA ARG A 291 -2.31 15.61 -0.92
C ARG A 291 -2.91 16.80 -0.21
N SER A 292 -2.42 17.08 1.00
CA SER A 292 -2.99 18.11 1.82
C SER A 292 -1.99 18.56 2.85
N TRP A 293 -1.80 19.88 2.95
CA TRP A 293 -0.91 20.42 3.97
C TRP A 293 -1.36 21.79 4.46
N GLY B 1 8.57 -21.26 6.12
CA GLY B 1 9.14 -21.08 4.79
C GLY B 1 8.93 -19.67 4.26
N SER B 2 9.33 -19.46 3.01
CA SER B 2 9.16 -18.15 2.35
C SER B 2 7.79 -18.01 1.69
N MET B 3 7.18 -16.84 1.75
CA MET B 3 5.91 -16.70 1.07
C MET B 3 5.65 -15.31 0.51
N MET B 4 4.88 -15.26 -0.57
N MET B 4 4.86 -15.25 -0.56
CA MET B 4 4.50 -13.99 -1.18
CA MET B 4 4.54 -13.98 -1.21
C MET B 4 3.06 -13.64 -0.84
C MET B 4 3.07 -13.60 -0.99
N LEU B 5 2.82 -12.36 -0.61
CA LEU B 5 1.48 -11.85 -0.35
C LEU B 5 1.25 -10.74 -1.34
N SER B 6 0.08 -10.69 -1.96
CA SER B 6 -0.20 -9.63 -2.91
C SER B 6 -1.58 -9.03 -2.71
N LEU B 7 -1.65 -7.71 -2.66
CA LEU B 7 -2.92 -7.02 -2.38
C LEU B 7 -2.89 -5.51 -2.69
N ASN B 8 -4.07 -4.89 -2.58
CA ASN B 8 -4.23 -3.46 -2.77
C ASN B 8 -4.57 -2.77 -1.46
N ASN B 9 -3.87 -1.69 -1.17
CA ASN B 9 -4.20 -0.87 -0.03
C ASN B 9 -4.51 0.55 -0.43
N LEU B 10 -5.50 1.13 0.22
CA LEU B 10 -5.66 2.56 0.21
C LEU B 10 -4.79 3.05 1.36
N GLN B 11 -3.85 3.95 1.08
CA GLN B 11 -3.00 4.44 2.14
C GLN B 11 -3.12 5.92 2.37
N ASN B 12 -3.10 6.28 3.64
CA ASN B 12 -3.24 7.66 4.05
C ASN B 12 -2.10 7.93 5.02
N ILE B 13 -1.18 8.80 4.63
CA ILE B 13 0.06 8.98 5.38
C ILE B 13 0.28 10.43 5.77
N ILE B 14 0.74 10.65 7.01
CA ILE B 14 1.02 11.98 7.52
C ILE B 14 2.50 12.09 7.87
N TYR B 15 3.23 12.92 7.14
CA TYR B 15 4.67 13.09 7.35
C TYR B 15 4.96 14.22 8.33
N ASN B 16 5.96 14.00 9.18
CA ASN B 16 6.46 15.02 10.10
C ASN B 16 5.40 15.68 10.96
N PRO B 17 4.58 14.88 11.66
CA PRO B 17 3.65 15.59 12.54
C PRO B 17 4.37 16.19 13.78
N VAL B 18 3.82 17.27 14.31
CA VAL B 18 4.37 17.94 15.49
C VAL B 18 3.73 17.37 16.73
N ILE B 19 4.55 17.10 17.74
CA ILE B 19 4.10 16.46 18.96
C ILE B 19 4.02 17.53 20.04
N PRO B 20 2.88 17.64 20.75
CA PRO B 20 1.76 16.69 20.74
C PRO B 20 0.91 16.79 19.48
N PHE B 21 0.44 15.63 19.04
CA PHE B 21 -0.38 15.51 17.84
C PHE B 21 -1.78 15.02 18.19
N VAL B 22 -2.81 15.71 17.69
CA VAL B 22 -4.18 15.24 17.78
C VAL B 22 -4.80 15.32 16.40
N GLY B 23 -5.06 14.15 15.79
CA GLY B 23 -5.57 14.12 14.44
C GLY B 23 -6.76 13.20 14.23
N THR B 24 -7.64 13.58 13.31
CA THR B 24 -8.78 12.76 12.92
C THR B 24 -8.35 11.63 12.00
N ILE B 25 -8.72 10.40 12.35
CA ILE B 25 -8.51 9.23 11.49
C ILE B 25 -9.31 9.43 10.19
N PRO B 26 -8.67 9.23 9.04
CA PRO B 26 -9.33 9.48 7.74
C PRO B 26 -10.59 8.64 7.48
N ASP B 27 -10.64 7.43 8.03
CA ASP B 27 -11.81 6.55 7.88
C ASP B 27 -11.89 5.61 9.06
N GLN B 28 -12.94 4.79 9.07
CA GLN B 28 -13.25 3.88 10.16
C GLN B 28 -12.20 2.76 10.25
N LEU B 29 -11.89 2.34 11.48
CA LEU B 29 -10.92 1.27 11.70
C LEU B 29 -11.57 -0.13 11.63
N ASP B 30 -11.96 -0.54 10.44
CA ASP B 30 -12.51 -1.89 10.24
C ASP B 30 -11.41 -2.91 10.46
N PRO B 31 -11.78 -4.12 10.89
CA PRO B 31 -10.83 -5.23 11.05
C PRO B 31 -9.91 -5.39 9.84
N GLY B 32 -8.61 -5.45 10.08
CA GLY B 32 -7.62 -5.59 9.03
C GLY B 32 -6.89 -4.28 8.77
N THR B 33 -7.39 -3.20 9.33
CA THR B 33 -6.75 -1.89 9.14
C THR B 33 -5.45 -1.82 9.92
N LEU B 34 -4.42 -1.21 9.32
CA LEU B 34 -3.16 -1.01 10.00
C LEU B 34 -2.96 0.46 10.34
N ILE B 35 -2.26 0.71 11.44
CA ILE B 35 -1.77 2.04 11.74
C ILE B 35 -0.26 1.89 11.89
N VAL B 36 0.50 2.68 11.15
CA VAL B 36 1.96 2.52 11.13
C VAL B 36 2.63 3.82 11.56
N ILE B 37 3.31 3.78 12.69
CA ILE B 37 3.90 4.97 13.27
C ILE B 37 5.41 4.80 13.31
N ARG B 38 6.14 5.78 12.79
CA ARG B 38 7.58 5.72 12.72
C ARG B 38 8.13 6.91 13.43
N GLY B 39 9.09 6.66 14.30
CA GLY B 39 9.69 7.73 15.05
C GLY B 39 10.96 7.38 15.73
N HIS B 40 11.32 8.19 16.72
CA HIS B 40 12.61 8.07 17.36
C HIS B 40 12.44 8.53 18.81
N VAL B 41 13.08 7.81 19.73
CA VAL B 41 13.05 8.18 21.14
C VAL B 41 14.21 9.13 21.45
N PRO B 42 13.91 10.37 21.85
CA PRO B 42 14.95 11.31 22.29
C PRO B 42 15.75 10.78 23.49
N SER B 43 16.99 11.21 23.62
CA SER B 43 17.90 10.74 24.68
C SER B 43 17.38 11.01 26.09
N ASP B 44 16.60 12.07 26.26
CA ASP B 44 16.17 12.47 27.59
C ASP B 44 14.76 11.99 27.94
N ALA B 45 14.21 11.11 27.11
CA ALA B 45 12.80 10.73 27.24
C ALA B 45 12.49 9.78 28.41
N ASP B 46 11.33 9.99 29.03
CA ASP B 46 10.88 9.09 30.09
C ASP B 46 9.70 8.25 29.63
N ARG B 47 8.90 8.81 28.72
CA ARG B 47 7.72 8.12 28.19
C ARG B 47 7.10 8.92 27.05
N PHE B 48 6.31 8.23 26.24
CA PHE B 48 5.45 8.88 25.25
C PHE B 48 4.25 7.96 25.08
N GLN B 49 3.21 8.39 24.38
CA GLN B 49 2.05 7.53 24.22
C GLN B 49 1.36 7.72 22.88
N VAL B 50 0.65 6.68 22.44
CA VAL B 50 -0.21 6.75 21.27
C VAL B 50 -1.60 6.39 21.78
N ASP B 51 -2.57 7.27 21.58
CA ASP B 51 -3.90 7.02 22.09
C ASP B 51 -4.88 7.00 20.93
N LEU B 52 -5.62 5.90 20.79
CA LEU B 52 -6.73 5.86 19.85
C LEU B 52 -7.99 6.31 20.60
N GLN B 53 -8.57 7.42 20.17
CA GLN B 53 -9.56 8.12 20.97
C GLN B 53 -10.92 8.19 20.30
N ASN B 54 -11.95 8.33 21.13
CA ASN B 54 -13.27 8.69 20.65
C ASN B 54 -13.44 10.20 20.82
N GLY B 55 -13.02 10.95 19.80
CA GLY B 55 -13.08 12.40 19.82
C GLY B 55 -11.83 13.00 20.44
N SER B 56 -11.86 14.32 20.65
CA SER B 56 -10.71 15.03 21.14
C SER B 56 -11.09 15.99 22.28
N SER B 57 -12.24 15.77 22.91
CA SER B 57 -12.61 16.63 24.03
C SER B 57 -11.57 16.50 25.15
N VAL B 58 -11.40 17.58 25.91
CA VAL B 58 -10.43 17.62 27.00
C VAL B 58 -11.13 17.77 28.36
N LYS B 59 -12.37 18.24 28.35
CA LYS B 59 -13.13 18.41 29.57
C LYS B 59 -14.64 18.30 29.29
N PRO B 60 -15.22 17.10 29.47
CA PRO B 60 -14.57 15.86 29.90
C PRO B 60 -13.65 15.27 28.86
N ARG B 61 -12.57 14.67 29.33
CA ARG B 61 -11.56 14.05 28.50
C ARG B 61 -12.15 12.92 27.65
N ALA B 62 -11.87 13.00 26.34
CA ALA B 62 -12.29 11.97 25.39
C ALA B 62 -11.87 10.58 25.84
N ASP B 63 -12.82 9.65 25.79
CA ASP B 63 -12.51 8.22 25.94
C ASP B 63 -11.31 7.79 25.13
N VAL B 64 -10.46 6.97 25.73
CA VAL B 64 -9.34 6.39 25.02
C VAL B 64 -9.56 4.89 24.91
N ALA B 65 -9.93 4.43 23.71
CA ALA B 65 -10.12 3.00 23.45
C ALA B 65 -8.84 2.22 23.71
N PHE B 66 -7.73 2.81 23.27
CA PHE B 66 -6.41 2.17 23.30
C PHE B 66 -5.33 3.23 23.57
N HIS B 67 -4.81 3.15 24.79
CA HIS B 67 -3.70 3.94 25.30
C HIS B 67 -2.49 3.01 25.25
N PHE B 68 -1.52 3.37 24.42
CA PHE B 68 -0.32 2.57 24.21
C PHE B 68 0.87 3.41 24.65
N ASN B 69 1.49 3.07 25.78
CA ASN B 69 2.34 4.01 26.48
C ASN B 69 3.69 3.41 26.88
N PRO B 70 4.67 3.48 25.97
CA PRO B 70 6.01 2.99 26.34
C PRO B 70 6.67 3.88 27.38
N ARG B 71 7.24 3.29 28.43
CA ARG B 71 7.98 4.03 29.47
C ARG B 71 9.42 3.54 29.56
N PHE B 72 10.34 4.44 29.94
CA PHE B 72 11.76 4.15 29.87
C PHE B 72 12.53 4.06 31.18
N LYS B 73 11.99 4.62 32.27
CA LYS B 73 12.63 4.52 33.57
C LYS B 73 12.86 3.05 33.93
N ARG B 74 13.81 2.79 34.84
CA ARG B 74 14.15 1.42 35.20
C ARG B 74 14.61 0.61 33.97
N ALA B 75 14.05 -0.59 33.81
CA ALA B 75 14.35 -1.42 32.64
C ALA B 75 13.42 -1.14 31.45
N GLY B 76 12.39 -0.35 31.68
CA GLY B 76 11.46 -0.02 30.62
C GLY B 76 10.31 -0.99 30.54
N CYS B 77 9.25 -0.60 29.85
CA CYS B 77 8.05 -1.42 29.69
C CYS B 77 7.09 -0.64 28.80
N ILE B 78 5.97 -1.27 28.45
CA ILE B 78 4.90 -0.63 27.70
C ILE B 78 3.62 -0.72 28.52
N VAL B 79 3.02 0.41 28.87
CA VAL B 79 1.77 0.39 29.62
C VAL B 79 0.60 0.50 28.65
N CYS B 80 -0.41 -0.37 28.80
CA CYS B 80 -1.63 -0.28 27.97
C CYS B 80 -2.91 -0.21 28.83
N ASN B 81 -3.88 0.58 28.38
CA ASN B 81 -5.11 0.73 29.14
C ASN B 81 -6.20 1.40 28.32
N THR B 82 -7.38 1.53 28.90
CA THR B 82 -8.51 2.13 28.23
C THR B 82 -9.09 3.15 29.22
N LEU B 83 -9.46 4.31 28.71
CA LEU B 83 -10.08 5.37 29.51
C LEU B 83 -11.57 5.51 29.14
N ILE B 84 -12.44 5.29 30.11
CA ILE B 84 -13.87 5.43 29.85
C ILE B 84 -14.53 6.35 30.87
N ASN B 85 -15.10 7.45 30.37
CA ASN B 85 -15.77 8.43 31.22
C ASN B 85 -14.81 9.00 32.26
N GLU B 86 -13.58 9.23 31.82
CA GLU B 86 -12.49 9.74 32.65
C GLU B 86 -11.94 8.77 33.71
N LYS B 87 -12.34 7.50 33.61
CA LYS B 87 -11.77 6.46 34.47
C LYS B 87 -10.87 5.49 33.68
N TRP B 88 -9.66 5.28 34.17
CA TRP B 88 -8.79 4.25 33.59
C TRP B 88 -9.22 2.87 34.09
N GLY B 89 -9.27 1.90 33.19
CA GLY B 89 -9.62 0.54 33.59
C GLY B 89 -8.39 -0.17 34.12
N ARG B 90 -8.40 -1.50 34.09
CA ARG B 90 -7.25 -2.26 34.53
C ARG B 90 -6.07 -2.13 33.56
N GLU B 91 -4.87 -2.02 34.13
CA GLU B 91 -3.67 -1.66 33.39
C GLU B 91 -2.91 -2.91 32.93
N GLU B 92 -2.60 -2.98 31.64
CA GLU B 92 -1.86 -4.14 31.09
C GLU B 92 -0.46 -3.75 30.69
N ILE B 93 0.52 -4.34 31.37
CA ILE B 93 1.91 -3.99 31.17
C ILE B 93 2.71 -5.13 30.54
N THR B 94 3.51 -4.76 29.54
CA THR B 94 4.33 -5.70 28.78
C THR B 94 5.78 -5.33 29.04
N TYR B 95 6.56 -6.27 29.54
CA TYR B 95 7.95 -5.98 29.93
C TYR B 95 8.99 -6.30 28.86
N ASP B 96 8.64 -7.16 27.92
CA ASP B 96 9.51 -7.37 26.78
C ASP B 96 9.30 -6.19 25.82
N THR B 97 9.99 -5.09 26.10
CA THR B 97 9.85 -3.85 25.33
C THR B 97 11.02 -3.66 24.39
N PRO B 98 10.72 -3.31 23.14
CA PRO B 98 11.80 -3.12 22.18
C PRO B 98 12.27 -1.66 22.10
N PHE B 99 11.57 -0.74 22.78
CA PHE B 99 11.90 0.68 22.73
C PHE B 99 13.13 1.01 23.55
N LYS B 100 13.98 1.89 23.02
CA LYS B 100 15.14 2.36 23.73
C LYS B 100 15.36 3.82 23.43
N ARG B 101 15.83 4.58 24.43
CA ARG B 101 16.19 5.98 24.22
C ARG B 101 17.25 6.04 23.14
N GLU B 102 17.21 7.08 22.31
CA GLU B 102 18.14 7.25 21.18
C GLU B 102 18.04 6.19 20.09
N LYS B 103 16.91 5.47 20.01
CA LYS B 103 16.72 4.48 18.95
C LYS B 103 15.42 4.73 18.20
N SER B 104 15.46 4.50 16.89
CA SER B 104 14.28 4.64 16.03
C SER B 104 13.42 3.40 16.14
N PHE B 105 12.13 3.55 15.82
CA PHE B 105 11.20 2.43 15.88
C PHE B 105 10.14 2.50 14.80
N GLU B 106 9.50 1.37 14.54
CA GLU B 106 8.26 1.36 13.79
C GLU B 106 7.18 0.56 14.53
N ILE B 107 6.09 1.22 14.88
CA ILE B 107 4.95 0.55 15.48
C ILE B 107 3.93 0.20 14.39
N VAL B 108 3.53 -1.07 14.34
CA VAL B 108 2.43 -1.48 13.49
C VAL B 108 1.28 -1.99 14.36
N ILE B 109 0.13 -1.35 14.27
CA ILE B 109 -1.05 -1.76 15.04
C ILE B 109 -2.08 -2.34 14.09
N MET B 110 -2.33 -3.63 14.20
CA MET B 110 -3.38 -4.23 13.40
C MET B 110 -4.68 -4.25 14.19
N VAL B 111 -5.73 -3.72 13.58
CA VAL B 111 -7.03 -3.66 14.23
C VAL B 111 -7.82 -4.90 13.87
N LEU B 112 -7.96 -5.81 14.82
CA LEU B 112 -8.69 -7.03 14.56
C LEU B 112 -10.10 -6.90 15.11
N LYS B 113 -10.94 -7.89 14.86
CA LYS B 113 -12.33 -7.86 15.30
C LYS B 113 -12.48 -7.79 16.83
N ASP B 114 -11.62 -8.52 17.53
CA ASP B 114 -11.74 -8.67 18.98
C ASP B 114 -10.61 -8.03 19.77
N LYS B 115 -9.54 -7.61 19.10
CA LYS B 115 -8.38 -7.04 19.78
C LYS B 115 -7.52 -6.22 18.84
N PHE B 116 -6.55 -5.51 19.40
CA PHE B 116 -5.48 -4.91 18.63
C PHE B 116 -4.29 -5.85 18.72
N GLN B 117 -3.58 -6.00 17.61
CA GLN B 117 -2.37 -6.78 17.57
C GLN B 117 -1.25 -5.82 17.19
N VAL B 118 -0.24 -5.71 18.05
CA VAL B 118 0.79 -4.71 17.86
C VAL B 118 2.17 -5.33 17.70
N ALA B 119 2.88 -4.92 16.64
CA ALA B 119 4.27 -5.31 16.43
C ALA B 119 5.18 -4.09 16.39
N VAL B 120 6.37 -4.21 16.98
CA VAL B 120 7.35 -3.15 16.92
C VAL B 120 8.65 -3.63 16.28
N ASN B 121 9.08 -2.93 15.24
CA ASN B 121 10.30 -3.27 14.52
C ASN B 121 10.26 -4.65 13.90
N GLY B 122 9.10 -5.02 13.34
CA GLY B 122 8.93 -6.28 12.64
C GLY B 122 8.70 -7.51 13.51
N LYS B 123 8.66 -7.32 14.81
CA LYS B 123 8.52 -8.45 15.73
C LYS B 123 7.27 -8.25 16.59
N HIS B 124 6.53 -9.31 16.84
CA HIS B 124 5.32 -9.21 17.63
C HIS B 124 5.63 -8.67 19.03
N THR B 125 4.77 -7.79 19.52
CA THR B 125 4.91 -7.23 20.84
C THR B 125 3.80 -7.48 21.84
N LEU B 126 2.58 -7.14 21.53
CA LEU B 126 1.49 -7.40 22.47
C LEU B 126 0.13 -7.52 21.79
N LEU B 127 -0.81 -8.17 22.46
CA LEU B 127 -2.20 -8.07 22.04
C LEU B 127 -2.95 -7.17 23.03
N TYR B 128 -4.05 -6.58 22.59
CA TYR B 128 -4.90 -5.83 23.51
C TYR B 128 -6.38 -5.92 23.12
N GLY B 129 -7.14 -6.64 23.94
CA GLY B 129 -8.57 -6.84 23.70
C GLY B 129 -9.37 -5.55 23.70
N HIS B 130 -10.42 -5.49 22.88
CA HIS B 130 -11.23 -4.27 22.82
C HIS B 130 -12.06 -4.13 24.08
N ARG B 131 -12.19 -2.89 24.53
CA ARG B 131 -13.07 -2.58 25.66
C ARG B 131 -14.12 -1.58 25.17
N ILE B 132 -13.72 -0.76 24.20
CA ILE B 132 -14.63 0.13 23.51
C ILE B 132 -14.74 -0.43 22.10
N GLY B 133 -15.91 -0.40 21.50
CA GLY B 133 -16.05 -0.83 20.12
C GLY B 133 -15.11 -0.01 19.24
N PRO B 134 -14.31 -0.68 18.41
CA PRO B 134 -13.30 0.02 17.61
C PRO B 134 -13.93 1.01 16.64
N GLU B 135 -15.22 0.86 16.36
CA GLU B 135 -15.88 1.70 15.38
C GLU B 135 -16.09 3.09 15.96
N LYS B 136 -15.85 3.22 17.26
CA LYS B 136 -16.01 4.49 17.98
C LYS B 136 -14.74 5.32 17.96
N ILE B 137 -13.67 4.76 17.39
CA ILE B 137 -12.39 5.44 17.34
C ILE B 137 -12.30 6.33 16.11
N ASP B 138 -12.11 7.62 16.30
CA ASP B 138 -12.01 8.50 15.15
C ASP B 138 -10.85 9.50 15.25
N THR B 139 -10.06 9.36 16.30
CA THR B 139 -8.98 10.31 16.58
C THR B 139 -7.73 9.59 17.07
N LEU B 140 -6.57 10.03 16.54
CA LEU B 140 -5.31 9.52 17.04
C LEU B 140 -4.56 10.62 17.78
N GLY B 141 -4.05 10.31 18.96
CA GLY B 141 -3.23 11.26 19.68
C GLY B 141 -1.85 10.67 19.97
N ILE B 142 -0.83 11.52 19.86
CA ILE B 142 0.52 11.15 20.26
C ILE B 142 1.06 12.26 21.16
N TYR B 143 1.50 11.86 22.35
CA TYR B 143 1.95 12.82 23.34
C TYR B 143 3.20 12.31 24.04
N GLY B 144 4.01 13.25 24.55
CA GLY B 144 5.21 12.90 25.29
C GLY B 144 6.49 13.23 24.55
N LYS B 145 7.61 12.76 25.10
CA LYS B 145 8.90 13.00 24.47
C LYS B 145 9.14 11.96 23.38
N VAL B 146 8.74 12.27 22.16
CA VAL B 146 9.02 11.36 21.06
C VAL B 146 9.02 12.17 19.77
N ASN B 147 9.85 11.75 18.80
CA ASN B 147 9.81 12.32 17.46
C ASN B 147 9.04 11.38 16.53
N ILE B 148 8.04 11.88 15.84
CA ILE B 148 7.32 11.06 14.89
C ILE B 148 7.61 11.54 13.46
N HIS B 149 8.12 10.64 12.64
CA HIS B 149 8.44 10.97 11.26
C HIS B 149 7.24 10.78 10.35
N SER B 150 6.42 9.78 10.64
CA SER B 150 5.20 9.55 9.86
C SER B 150 4.17 8.77 10.66
N ILE B 151 2.90 8.97 10.31
CA ILE B 151 1.80 8.20 10.86
C ILE B 151 1.06 7.77 9.62
N GLY B 152 0.91 6.46 9.41
CA GLY B 152 0.27 5.95 8.22
C GLY B 152 -0.89 5.03 8.51
N PHE B 153 -1.99 5.19 7.79
CA PHE B 153 -3.13 4.28 7.87
C PHE B 153 -3.20 3.45 6.59
N SER B 154 -3.53 2.16 6.72
CA SER B 154 -3.68 1.28 5.57
C SER B 154 -5.04 0.64 5.57
N PHE B 155 -5.82 0.88 4.53
CA PHE B 155 -7.13 0.27 4.44
C PHE B 155 -7.20 -0.72 3.29
N SER B 156 -7.87 -1.84 3.51
CA SER B 156 -7.90 -2.86 2.47
C SER B 156 -8.79 -2.43 1.30
N SER B 157 -8.53 -3.02 0.14
CA SER B 157 -9.19 -2.63 -1.09
C SER B 157 -9.14 -3.78 -2.10
N HIS B 158 -10.11 -3.78 -3.02
CA HIS B 158 -10.20 -4.79 -4.05
C HIS B 158 -9.05 -4.59 -5.05
N MET B 159 -8.36 -5.67 -5.39
CA MET B 159 -7.32 -5.58 -6.41
C MET B 159 -7.97 -5.34 -7.77
N ARG B 160 -7.28 -4.59 -8.62
CA ARG B 160 -7.79 -4.30 -9.95
C ARG B 160 -7.75 -5.52 -10.85
N LEU B 161 -8.80 -5.70 -11.66
CA LEU B 161 -8.86 -6.74 -12.66
C LEU B 161 -8.87 -6.14 -14.06
N PRO B 162 -8.25 -6.82 -15.04
CA PRO B 162 -7.56 -8.11 -14.91
C PRO B 162 -6.27 -7.99 -14.12
N PHE B 163 -5.97 -9.04 -13.36
CA PHE B 163 -4.75 -9.12 -12.58
C PHE B 163 -3.77 -10.04 -13.30
N ALA B 164 -2.50 -9.63 -13.36
CA ALA B 164 -1.48 -10.40 -14.06
C ALA B 164 -0.16 -10.23 -13.35
N ALA B 165 0.47 -11.33 -12.96
CA ALA B 165 1.72 -11.22 -12.22
C ALA B 165 2.71 -12.36 -12.49
N ARG B 166 3.99 -12.01 -12.52
CA ARG B 166 5.02 -13.03 -12.49
C ARG B 166 5.20 -13.46 -11.03
N LEU B 167 5.29 -14.77 -10.81
CA LEU B 167 5.59 -15.30 -9.50
C LEU B 167 7.10 -15.17 -9.27
N ASN B 168 7.54 -14.94 -8.03
CA ASN B 168 8.98 -14.78 -7.78
C ASN B 168 9.74 -16.07 -7.98
N THR B 169 9.09 -17.18 -7.70
CA THR B 169 9.66 -18.51 -7.93
C THR B 169 8.60 -19.29 -8.71
N PRO B 170 9.04 -20.18 -9.62
CA PRO B 170 8.12 -20.90 -10.53
C PRO B 170 7.39 -22.03 -9.83
N MET B 171 6.46 -22.69 -10.52
CA MET B 171 5.83 -23.89 -9.98
C MET B 171 6.85 -25.00 -9.85
N GLY B 172 6.47 -26.01 -9.09
CA GLY B 172 7.31 -27.18 -8.84
C GLY B 172 6.59 -27.92 -7.75
N PRO B 173 6.92 -29.20 -7.55
CA PRO B 173 6.24 -29.98 -6.51
C PRO B 173 6.23 -29.27 -5.14
N GLY B 174 5.06 -29.17 -4.52
CA GLY B 174 4.96 -28.57 -3.19
C GLY B 174 4.68 -27.08 -3.18
N ARG B 175 4.74 -26.44 -4.35
CA ARG B 175 4.40 -25.03 -4.46
C ARG B 175 2.90 -24.92 -4.33
N THR B 176 2.44 -23.79 -3.77
CA THR B 176 1.04 -23.55 -3.48
C THR B 176 0.65 -22.10 -3.79
N VAL B 177 -0.49 -21.91 -4.45
CA VAL B 177 -0.99 -20.57 -4.75
C VAL B 177 -2.38 -20.42 -4.15
N VAL B 178 -2.63 -19.31 -3.45
CA VAL B 178 -3.95 -19.07 -2.88
C VAL B 178 -4.61 -17.82 -3.45
N VAL B 179 -5.85 -17.95 -3.90
CA VAL B 179 -6.61 -16.83 -4.42
C VAL B 179 -7.79 -16.55 -3.49
N LYS B 180 -7.79 -15.38 -2.86
CA LYS B 180 -8.86 -14.99 -1.95
C LYS B 180 -9.70 -13.91 -2.59
N GLY B 181 -11.00 -14.11 -2.61
CA GLY B 181 -11.87 -13.20 -3.30
C GLY B 181 -13.33 -13.35 -2.93
N GLU B 182 -14.16 -12.69 -3.71
CA GLU B 182 -15.57 -12.69 -3.45
C GLU B 182 -16.26 -12.69 -4.80
N VAL B 183 -17.08 -13.71 -5.05
CA VAL B 183 -17.82 -13.79 -6.30
C VAL B 183 -18.82 -12.64 -6.34
N ASN B 184 -18.93 -11.96 -7.49
CA ASN B 184 -19.87 -10.85 -7.62
C ASN B 184 -21.26 -11.35 -7.34
N ALA B 185 -22.11 -10.50 -6.78
CA ALA B 185 -23.52 -10.84 -6.62
C ALA B 185 -24.17 -10.99 -8.00
N ASN B 186 -23.62 -10.27 -8.97
CA ASN B 186 -24.14 -10.28 -10.34
C ASN B 186 -23.43 -11.26 -11.29
N ALA B 187 -22.61 -12.16 -10.73
CA ALA B 187 -21.57 -12.90 -11.47
C ALA B 187 -21.98 -14.01 -12.45
N LYS B 188 -21.25 -14.06 -13.57
CA LYS B 188 -21.45 -15.11 -14.56
C LYS B 188 -20.30 -16.12 -14.53
N SER B 189 -19.07 -15.63 -14.61
CA SER B 189 -17.91 -16.52 -14.55
C SER B 189 -16.60 -15.76 -14.28
N PHE B 190 -15.60 -16.49 -13.82
CA PHE B 190 -14.27 -15.92 -13.67
C PHE B 190 -13.16 -16.94 -13.98
N ASN B 191 -11.96 -16.44 -14.20
CA ASN B 191 -10.90 -17.34 -14.59
C ASN B 191 -9.62 -17.08 -13.80
N VAL B 192 -8.95 -18.17 -13.43
CA VAL B 192 -7.64 -18.11 -12.80
C VAL B 192 -6.69 -19.00 -13.59
N ASP B 193 -5.61 -18.41 -14.10
CA ASP B 193 -4.70 -19.09 -15.00
C ASP B 193 -3.25 -19.11 -14.49
N LEU B 194 -2.58 -20.25 -14.70
CA LEU B 194 -1.14 -20.38 -14.47
C LEU B 194 -0.49 -20.58 -15.82
N LEU B 195 0.39 -19.67 -16.22
CA LEU B 195 0.97 -19.68 -17.57
C LEU B 195 2.46 -19.88 -17.53
N ALA B 196 3.00 -20.39 -18.64
CA ALA B 196 4.41 -20.20 -18.94
C ALA B 196 4.49 -18.84 -19.59
N GLY B 197 5.13 -17.89 -18.89
CA GLY B 197 5.11 -16.49 -19.29
C GLY B 197 5.71 -16.24 -20.65
N LYS B 198 6.82 -16.91 -20.94
CA LYS B 198 7.55 -16.70 -22.18
C LYS B 198 6.80 -17.21 -23.41
N SER B 199 6.33 -18.46 -23.34
CA SER B 199 5.58 -19.07 -24.45
C SER B 199 4.09 -18.72 -24.47
N LYS B 200 3.58 -18.14 -23.39
CA LYS B 200 2.17 -17.80 -23.27
C LYS B 200 1.24 -19.03 -23.29
N ASP B 201 1.81 -20.21 -23.10
CA ASP B 201 1.04 -21.43 -22.86
C ASP B 201 0.36 -21.33 -21.50
N ILE B 202 -0.86 -21.84 -21.42
CA ILE B 202 -1.58 -21.87 -20.15
C ILE B 202 -1.55 -23.30 -19.64
N ALA B 203 -0.85 -23.52 -18.53
CA ALA B 203 -0.67 -24.86 -18.01
C ALA B 203 -1.96 -25.33 -17.36
N LEU B 204 -2.56 -24.44 -16.56
CA LEU B 204 -3.83 -24.72 -15.88
C LEU B 204 -4.77 -23.55 -16.05
N HIS B 205 -5.91 -23.80 -16.67
CA HIS B 205 -6.95 -22.79 -16.82
C HIS B 205 -8.11 -23.14 -15.88
N LEU B 206 -8.27 -22.38 -14.79
CA LEU B 206 -9.39 -22.60 -13.86
C LEU B 206 -10.51 -21.64 -14.21
N ASN B 207 -11.70 -22.17 -14.41
CA ASN B 207 -12.80 -21.35 -14.92
C ASN B 207 -14.16 -21.76 -14.39
N PRO B 208 -14.49 -21.32 -13.16
CA PRO B 208 -15.83 -21.57 -12.62
C PRO B 208 -16.85 -20.74 -13.39
N ARG B 209 -17.85 -21.40 -13.97
CA ARG B 209 -18.92 -20.69 -14.64
C ARG B 209 -20.17 -20.80 -13.79
N LEU B 210 -20.50 -19.72 -13.10
CA LEU B 210 -21.57 -19.74 -12.13
C LEU B 210 -22.93 -19.84 -12.80
N ASN B 211 -23.06 -19.22 -13.97
CA ASN B 211 -24.33 -19.23 -14.70
C ASN B 211 -24.85 -20.65 -14.96
N ILE B 212 -23.94 -21.60 -15.15
CA ILE B 212 -24.33 -22.98 -15.40
C ILE B 212 -23.76 -23.96 -14.36
N LYS B 213 -23.16 -23.41 -13.31
CA LYS B 213 -22.59 -24.19 -12.22
C LYS B 213 -21.60 -25.26 -12.70
N ALA B 214 -20.72 -24.89 -13.63
CA ALA B 214 -19.69 -25.81 -14.12
C ALA B 214 -18.31 -25.26 -13.79
N PHE B 215 -17.47 -26.09 -13.18
CA PHE B 215 -16.07 -25.76 -12.94
C PHE B 215 -15.25 -26.38 -14.09
N VAL B 216 -14.80 -25.53 -15.01
CA VAL B 216 -14.11 -25.97 -16.22
C VAL B 216 -12.60 -25.82 -16.09
N ARG B 217 -11.86 -26.87 -16.44
CA ARG B 217 -10.41 -26.76 -16.46
C ARG B 217 -9.86 -27.25 -17.79
N ASN B 218 -8.75 -26.67 -18.22
CA ASN B 218 -8.19 -27.00 -19.51
C ASN B 218 -6.75 -26.49 -19.55
N SER B 219 -6.05 -26.79 -20.64
CA SER B 219 -4.75 -26.24 -20.92
C SER B 219 -4.76 -25.66 -22.33
N PHE B 220 -3.98 -24.61 -22.54
CA PHE B 220 -3.87 -23.98 -23.84
C PHE B 220 -2.44 -24.18 -24.34
N LEU B 221 -2.24 -25.22 -25.14
CA LEU B 221 -0.89 -25.63 -25.51
C LEU B 221 -0.77 -25.71 -27.00
N GLN B 222 0.43 -25.38 -27.51
CA GLN B 222 0.66 -25.34 -28.95
C GLN B 222 -0.38 -24.41 -29.61
N GLU B 223 -0.76 -23.33 -28.92
CA GLU B 223 -1.77 -22.38 -29.40
C GLU B 223 -3.17 -22.96 -29.66
N SER B 224 -3.60 -23.91 -28.82
CA SER B 224 -4.96 -24.47 -28.94
C SER B 224 -5.43 -25.16 -27.65
N TRP B 225 -6.71 -25.00 -27.33
CA TRP B 225 -7.28 -25.59 -26.14
C TRP B 225 -7.34 -27.11 -26.26
N GLY B 226 -7.17 -27.82 -25.15
CA GLY B 226 -7.20 -29.26 -25.16
C GLY B 226 -8.56 -29.82 -24.78
N GLU B 227 -8.57 -31.03 -24.24
CA GLU B 227 -9.79 -31.65 -23.72
C GLU B 227 -10.14 -31.03 -22.37
N GLU B 228 -11.39 -30.58 -22.25
CA GLU B 228 -11.88 -29.99 -21.00
C GLU B 228 -12.16 -31.06 -19.97
N GLU B 229 -11.98 -30.67 -18.71
CA GLU B 229 -12.26 -31.51 -17.57
C GLU B 229 -13.27 -30.76 -16.69
N ARG B 230 -14.44 -31.36 -16.45
CA ARG B 230 -15.52 -30.71 -15.72
C ARG B 230 -16.01 -31.53 -14.55
N ASN B 231 -15.60 -32.79 -14.50
CA ASN B 231 -15.96 -33.69 -13.40
C ASN B 231 -15.83 -33.08 -12.00
N ILE B 232 -16.95 -32.99 -11.29
CA ILE B 232 -16.91 -32.43 -9.95
C ILE B 232 -18.02 -33.00 -9.09
N THR B 233 -17.74 -33.16 -7.80
CA THR B 233 -18.73 -33.66 -6.86
C THR B 233 -19.85 -32.65 -6.66
N SER B 234 -19.45 -31.41 -6.44
CA SER B 234 -20.40 -30.32 -6.26
C SER B 234 -19.75 -29.02 -6.73
N PHE B 235 -20.56 -28.01 -6.99
CA PHE B 235 -20.07 -26.71 -7.44
C PHE B 235 -19.89 -25.79 -6.23
N PRO B 236 -18.63 -25.52 -5.85
CA PRO B 236 -18.31 -24.86 -4.59
C PRO B 236 -18.40 -23.33 -4.62
N PHE B 237 -19.04 -22.75 -5.63
CA PHE B 237 -19.18 -21.29 -5.70
C PHE B 237 -20.63 -20.84 -5.77
N SER B 238 -20.89 -19.63 -5.29
CA SER B 238 -22.20 -19.01 -5.47
C SER B 238 -22.02 -17.49 -5.46
N PRO B 239 -22.96 -16.77 -6.12
CA PRO B 239 -22.88 -15.30 -6.16
C PRO B 239 -22.84 -14.71 -4.76
N GLY B 240 -22.05 -13.64 -4.60
CA GLY B 240 -21.94 -12.95 -3.33
C GLY B 240 -21.10 -13.69 -2.31
N MET B 241 -20.60 -14.87 -2.67
CA MET B 241 -19.89 -15.71 -1.70
C MET B 241 -18.38 -15.48 -1.66
N TYR B 242 -17.88 -15.31 -0.45
CA TYR B 242 -16.45 -15.25 -0.17
C TYR B 242 -15.89 -16.64 -0.47
N PHE B 243 -14.66 -16.69 -0.96
CA PHE B 243 -14.04 -17.97 -1.26
C PHE B 243 -12.51 -17.96 -1.13
N GLU B 244 -11.96 -19.10 -0.73
CA GLU B 244 -10.51 -19.29 -0.73
C GLU B 244 -10.21 -20.47 -1.64
N MET B 245 -9.59 -20.20 -2.77
CA MET B 245 -9.19 -21.27 -3.68
C MET B 245 -7.71 -21.55 -3.56
N ILE B 246 -7.39 -22.78 -3.18
CA ILE B 246 -6.01 -23.23 -3.02
C ILE B 246 -5.59 -24.10 -4.20
N ILE B 247 -4.50 -23.73 -4.87
CA ILE B 247 -3.97 -24.54 -5.96
C ILE B 247 -2.63 -25.08 -5.51
N TYR B 248 -2.55 -26.39 -5.34
CA TYR B 248 -1.34 -27.04 -4.85
C TYR B 248 -0.65 -27.78 -5.99
N CYS B 249 0.63 -27.53 -6.19
CA CYS B 249 1.36 -28.22 -7.24
C CYS B 249 1.97 -29.52 -6.71
N ASP B 250 1.41 -30.65 -7.14
CA ASP B 250 2.01 -31.95 -6.82
C ASP B 250 2.89 -32.43 -8.00
N VAL B 251 3.58 -33.54 -7.84
CA VAL B 251 4.47 -34.03 -8.89
C VAL B 251 3.69 -34.40 -10.16
N ARG B 252 2.59 -35.12 -9.97
CA ARG B 252 1.81 -35.68 -11.07
C ARG B 252 0.67 -34.78 -11.52
N GLU B 253 0.13 -34.01 -10.58
CA GLU B 253 -1.07 -33.21 -10.82
C GLU B 253 -1.14 -31.95 -9.95
N PHE B 254 -1.94 -30.97 -10.40
CA PHE B 254 -2.39 -29.90 -9.54
C PHE B 254 -3.56 -30.44 -8.72
N LYS B 255 -3.72 -29.92 -7.52
CA LYS B 255 -4.90 -30.20 -6.73
C LYS B 255 -5.50 -28.86 -6.34
N VAL B 256 -6.82 -28.72 -6.49
CA VAL B 256 -7.50 -27.49 -6.16
C VAL B 256 -8.50 -27.73 -5.05
N ALA B 257 -8.52 -26.82 -4.07
CA ALA B 257 -9.47 -26.90 -2.98
C ALA B 257 -10.18 -25.57 -2.85
N VAL B 258 -11.47 -25.63 -2.55
CA VAL B 258 -12.25 -24.41 -2.40
C VAL B 258 -12.85 -24.41 -1.00
N ASN B 259 -12.42 -23.43 -0.21
CA ASN B 259 -12.85 -23.29 1.17
C ASN B 259 -12.48 -24.48 2.06
N GLY B 260 -11.25 -24.96 1.92
CA GLY B 260 -10.72 -25.98 2.80
C GLY B 260 -11.11 -27.38 2.40
N VAL B 261 -11.91 -27.49 1.34
CA VAL B 261 -12.34 -28.79 0.86
C VAL B 261 -11.69 -29.12 -0.48
N HIS B 262 -11.07 -30.30 -0.58
CA HIS B 262 -10.52 -30.73 -1.85
C HIS B 262 -11.62 -30.87 -2.88
N SER B 263 -11.44 -30.22 -4.02
CA SER B 263 -12.48 -30.15 -5.04
C SER B 263 -12.16 -30.93 -6.32
N LEU B 264 -10.90 -30.86 -6.79
CA LEU B 264 -10.52 -31.53 -8.02
C LEU B 264 -9.02 -31.74 -8.12
N GLU B 265 -8.61 -32.71 -8.93
CA GLU B 265 -7.23 -32.80 -9.34
C GLU B 265 -7.12 -32.70 -10.87
N TYR B 266 -5.97 -32.22 -11.34
CA TYR B 266 -5.75 -31.98 -12.77
C TYR B 266 -4.33 -32.43 -13.11
N LYS B 267 -4.22 -33.59 -13.78
CA LYS B 267 -2.93 -34.12 -14.22
C LYS B 267 -2.19 -33.11 -15.07
N HIS B 268 -0.90 -32.95 -14.82
CA HIS B 268 -0.07 -32.05 -15.63
C HIS B 268 0.02 -32.46 -17.11
N ARG B 269 -0.32 -31.51 -17.98
CA ARG B 269 -0.15 -31.70 -19.42
C ARG B 269 1.12 -31.00 -19.87
N PHE B 270 1.25 -29.75 -19.43
CA PHE B 270 2.49 -28.99 -19.53
C PHE B 270 3.35 -29.44 -18.36
N LYS B 271 4.33 -30.28 -18.60
CA LYS B 271 5.04 -30.92 -17.51
C LYS B 271 6.34 -30.22 -17.05
N GLU B 272 6.80 -29.21 -17.79
CA GLU B 272 7.94 -28.41 -17.32
C GLU B 272 7.45 -27.41 -16.27
N LEU B 273 7.26 -27.87 -15.05
CA LEU B 273 6.65 -27.07 -13.98
C LEU B 273 7.41 -25.77 -13.70
N SER B 274 8.72 -25.85 -13.75
CA SER B 274 9.58 -24.71 -13.47
C SER B 274 9.50 -23.65 -14.58
N SER B 275 8.75 -23.93 -15.65
CA SER B 275 8.44 -22.90 -16.66
C SER B 275 7.08 -22.26 -16.41
N ILE B 276 6.35 -22.74 -15.40
CA ILE B 276 5.09 -22.10 -15.02
C ILE B 276 5.41 -21.01 -14.02
N ASP B 277 5.30 -19.76 -14.47
CA ASP B 277 5.84 -18.61 -13.76
C ASP B 277 4.94 -17.36 -13.77
N THR B 278 3.70 -17.51 -14.22
CA THR B 278 2.80 -16.37 -14.35
C THR B 278 1.40 -16.72 -13.88
N LEU B 279 0.79 -15.77 -13.17
CA LEU B 279 -0.56 -15.93 -12.70
C LEU B 279 -1.47 -14.84 -13.31
N GLU B 280 -2.61 -15.25 -13.85
CA GLU B 280 -3.61 -14.30 -14.34
C GLU B 280 -4.96 -14.58 -13.73
N ILE B 281 -5.69 -13.51 -13.43
CA ILE B 281 -6.98 -13.61 -12.77
C ILE B 281 -7.87 -12.49 -13.31
N ASN B 282 -9.10 -12.84 -13.70
CA ASN B 282 -10.02 -11.89 -14.29
C ASN B 282 -11.44 -12.42 -14.17
N GLY B 283 -12.42 -11.58 -14.46
CA GLY B 283 -13.80 -12.05 -14.48
C GLY B 283 -14.63 -11.45 -13.36
N ASP B 284 -15.79 -12.05 -13.11
CA ASP B 284 -16.78 -11.47 -12.21
C ASP B 284 -16.57 -11.83 -10.73
N ILE B 285 -15.43 -11.40 -10.20
CA ILE B 285 -15.17 -11.50 -8.76
C ILE B 285 -14.56 -10.21 -8.27
N HIS B 286 -14.52 -10.06 -6.95
CA HIS B 286 -13.70 -9.06 -6.30
C HIS B 286 -12.47 -9.76 -5.74
N LEU B 287 -11.32 -9.50 -6.35
CA LEU B 287 -10.07 -10.08 -5.89
C LEU B 287 -9.61 -9.41 -4.61
N LEU B 288 -9.40 -10.18 -3.55
CA LEU B 288 -9.02 -9.61 -2.26
C LEU B 288 -7.54 -9.80 -2.01
N GLU B 289 -7.02 -10.96 -2.38
CA GLU B 289 -5.70 -11.32 -1.95
C GLU B 289 -5.18 -12.53 -2.74
N VAL B 290 -3.87 -12.53 -2.96
CA VAL B 290 -3.20 -13.62 -3.63
C VAL B 290 -1.99 -13.97 -2.76
N ARG B 291 -1.84 -15.25 -2.43
CA ARG B 291 -0.69 -15.72 -1.65
C ARG B 291 -0.06 -16.94 -2.33
N SER B 292 1.25 -17.07 -2.19
CA SER B 292 1.95 -18.18 -2.78
C SER B 292 3.14 -18.55 -1.93
N TRP B 293 3.31 -19.84 -1.68
CA TRP B 293 4.50 -20.31 -0.98
C TRP B 293 5.00 -21.65 -1.50
N PRO C 1 5.85 19.32 -3.76
CA PRO C 1 5.85 17.88 -3.48
C PRO C 1 5.18 17.07 -4.59
N GLY C 2 5.93 16.75 -5.64
CA GLY C 2 5.34 16.01 -6.74
C GLY C 2 4.24 16.82 -7.38
N LEU C 3 4.50 18.10 -7.56
CA LEU C 3 3.65 18.92 -8.38
C LEU C 3 4.41 19.11 -9.67
N ALA C 4 3.83 18.61 -10.74
CA ALA C 4 4.40 18.81 -12.07
C ALA C 4 4.21 20.25 -12.56
N TYR C 5 3.12 20.89 -12.15
CA TYR C 5 2.82 22.20 -12.71
C TYR C 5 3.07 23.38 -11.75
N GLY C 6 3.56 23.10 -10.55
CA GLY C 6 3.86 24.16 -9.61
C GLY C 6 2.64 24.60 -8.83
N ASN C 7 2.77 25.71 -8.11
CA ASN C 7 1.71 26.20 -7.24
C ASN C 7 1.68 27.72 -7.28
N PRO C 8 0.57 28.30 -7.75
CA PRO C 8 0.47 29.76 -7.89
C PRO C 8 0.36 30.43 -6.53
N TYR C 9 -0.01 29.65 -5.53
CA TYR C 9 -0.33 30.16 -4.21
C TYR C 9 0.84 29.97 -3.26
N PRO D 1 -1.58 -19.34 6.53
CA PRO D 1 -1.56 -17.91 6.89
C PRO D 1 -2.74 -17.17 6.28
N GLY D 2 -3.63 -16.63 7.12
CA GLY D 2 -4.77 -15.87 6.64
C GLY D 2 -5.73 -16.74 5.83
N LEU D 3 -6.13 -17.86 6.43
CA LEU D 3 -7.06 -18.79 5.78
C LEU D 3 -8.22 -19.10 6.71
N ALA D 4 -9.38 -18.51 6.44
CA ALA D 4 -10.56 -18.77 7.25
C ALA D 4 -10.82 -20.28 7.22
N TYR D 5 -10.87 -20.82 6.02
CA TYR D 5 -11.01 -22.25 5.89
C TYR D 5 -9.60 -22.80 5.79
N GLY D 6 -9.36 -23.96 6.36
CA GLY D 6 -8.01 -24.50 6.47
C GLY D 6 -7.37 -24.87 5.14
N ASN D 7 -6.51 -25.88 5.17
CA ASN D 7 -5.79 -26.33 3.98
C ASN D 7 -5.73 -27.85 3.96
N PRO D 8 -6.33 -28.48 2.95
CA PRO D 8 -6.41 -29.94 2.89
C PRO D 8 -5.05 -30.56 2.58
N TYR D 9 -4.12 -29.74 2.13
CA TYR D 9 -2.90 -30.23 1.48
C TYR D 9 -1.67 -30.05 2.35
#